data_3ZMP
#
_entry.id   3ZMP
#
_cell.length_a   70.820
_cell.length_b   88.070
_cell.length_c   91.991
_cell.angle_alpha   90.00
_cell.angle_beta   90.00
_cell.angle_gamma   90.00
#
_symmetry.space_group_name_H-M   'P 21 21 21'
#
loop_
_entity.id
_entity.type
_entity.pdbx_description
1 polymer 'TYROSINE-PROTEIN PHOSPHATASE NON-RECEPTOR TYPE 1'
2 polymer 'PROTO-ONCOGENE TYROSINE-PROTEIN KINASE SRC'
3 water water
#
loop_
_entity_poly.entity_id
_entity_poly.type
_entity_poly.pdbx_seq_one_letter_code
_entity_poly.pdbx_strand_id
1 'polypeptide(L)'
;MHHHHHHHMEMEKEFEQIDKSGSWAAIYQDIRHEASDFPCRVAKLPKNKNRNRYRDVSPFDHSRIKLHQEDNDYINASLI
KMEEAQRSYILTQGPLPNTCGHFWEMVWEQKSRGVVMLNRVMEKGSLKCAQYWPQKEEKEMIFEDTNLKLTLISEDIKSY
YTVRQLELENLTTQETREILHFHYTTWPDFGVPESPASFLNFLFKVRESGSLSPEHGPVVVHSSAGIGRSGTFCLADTCL
LLMDKRKDPSSVDIKKVLLEMRKFRMGLIQTADQLRFSYLAVIEGAKFIMGDSSVQDQWKELSHEDLEPPPEHIPPPPRP
PKRILEPHN
;
A,B
2 'polypeptide(L)' EPQ(FTY)QPGENL C,D
#
# COMPACT_ATOMS: atom_id res chain seq x y z
N MET A 11 -7.49 25.25 -0.84
CA MET A 11 -6.15 25.36 -1.40
C MET A 11 -6.22 25.21 -2.91
N GLU A 12 -7.34 24.69 -3.37
CA GLU A 12 -7.67 24.59 -4.78
C GLU A 12 -7.81 25.98 -5.36
N LYS A 13 -8.33 26.90 -4.55
CA LYS A 13 -8.54 28.27 -4.96
C LYS A 13 -7.25 28.96 -5.32
N GLU A 14 -6.21 28.69 -4.55
CA GLU A 14 -4.93 29.31 -4.77
C GLU A 14 -4.47 28.95 -6.16
N PHE A 15 -4.74 27.71 -6.55
CA PHE A 15 -4.50 27.24 -7.90
C PHE A 15 -5.35 28.02 -8.90
N GLU A 16 -6.59 28.25 -8.52
CA GLU A 16 -7.52 28.99 -9.34
C GLU A 16 -7.02 30.42 -9.53
N GLN A 17 -6.38 30.98 -8.50
CA GLN A 17 -5.87 32.35 -8.56
C GLN A 17 -4.68 32.48 -9.52
N ILE A 18 -3.80 31.48 -9.49
CA ILE A 18 -2.65 31.43 -10.39
C ILE A 18 -3.08 31.07 -11.82
N ASP A 19 -4.11 30.26 -11.96
CA ASP A 19 -4.43 29.73 -13.27
C ASP A 19 -5.10 30.86 -14.04
N LYS A 20 -6.08 31.50 -13.40
CA LYS A 20 -6.79 32.66 -13.94
C LYS A 20 -5.87 33.86 -14.20
N SER A 21 -4.88 34.04 -13.32
CA SER A 21 -3.86 35.07 -13.48
C SER A 21 -2.93 34.68 -14.63
N GLY A 22 -2.61 33.39 -14.73
CA GLY A 22 -1.80 32.88 -15.83
C GLY A 22 -0.43 33.39 -15.48
N SER A 23 -0.18 33.34 -14.19
CA SER A 23 1.00 33.88 -13.58
C SER A 23 1.95 32.77 -13.17
N TRP A 24 1.70 31.56 -13.68
CA TRP A 24 2.44 30.37 -13.27
C TRP A 24 3.95 30.48 -13.41
N ALA A 25 4.39 31.13 -14.47
CA ALA A 25 5.81 31.35 -14.73
C ALA A 25 6.44 32.19 -13.62
N ALA A 26 5.73 33.21 -13.17
CA ALA A 26 6.20 34.07 -12.09
C ALA A 26 6.32 33.28 -10.77
N ILE A 27 5.28 32.50 -10.44
CA ILE A 27 5.27 31.76 -9.17
C ILE A 27 6.44 30.78 -9.13
N TYR A 28 6.73 30.15 -10.27
CA TYR A 28 7.87 29.25 -10.35
C TYR A 28 9.22 29.99 -10.15
N GLN A 29 9.32 31.21 -10.66
CA GLN A 29 10.50 32.05 -10.49
C GLN A 29 10.71 32.49 -9.03
N ASP A 30 9.61 32.81 -8.35
CA ASP A 30 9.66 33.17 -6.93
C ASP A 30 10.33 32.04 -6.15
N ILE A 31 9.88 30.84 -6.40
CA ILE A 31 10.39 29.67 -5.71
C ILE A 31 11.85 29.52 -6.03
N ARG A 32 12.22 29.80 -7.27
CA ARG A 32 13.61 29.66 -7.64
C ARG A 32 14.48 30.62 -6.87
N HIS A 33 14.04 31.86 -6.76
CA HIS A 33 14.82 32.87 -6.07
C HIS A 33 14.96 32.47 -4.63
N GLU A 34 13.87 31.99 -4.07
CA GLU A 34 13.81 31.62 -2.67
C GLU A 34 14.53 30.31 -2.37
N ALA A 35 14.99 29.63 -3.41
CA ALA A 35 15.60 28.31 -3.27
C ALA A 35 16.93 28.31 -2.51
N SER A 36 17.26 27.18 -1.88
CA SER A 36 18.53 26.99 -1.18
C SER A 36 19.74 26.92 -2.10
N ASP A 37 20.91 27.18 -1.54
CA ASP A 37 22.15 26.91 -2.23
C ASP A 37 23.18 26.37 -1.25
N PHE A 38 23.86 25.30 -1.64
CA PHE A 38 24.88 24.72 -0.78
C PHE A 38 26.04 24.29 -1.64
N PRO A 39 27.22 24.15 -1.03
CA PRO A 39 28.38 23.77 -1.84
C PRO A 39 28.18 22.41 -2.48
N CYS A 40 28.79 22.20 -3.65
CA CYS A 40 28.85 20.89 -4.30
C CYS A 40 30.29 20.55 -4.64
N ARG A 41 31.15 20.56 -3.63
CA ARG A 41 32.60 20.38 -3.81
C ARG A 41 32.93 19.03 -4.43
N VAL A 42 32.35 17.95 -3.92
CA VAL A 42 32.68 16.62 -4.45
C VAL A 42 32.16 16.39 -5.86
N ALA A 43 30.95 16.84 -6.12
CA ALA A 43 30.34 16.67 -7.42
C ALA A 43 31.19 17.34 -8.48
N LYS A 44 31.92 18.37 -8.07
CA LYS A 44 32.69 19.16 -9.00
C LYS A 44 34.14 18.67 -9.10
N LEU A 45 34.48 17.65 -8.33
CA LEU A 45 35.86 17.17 -8.35
C LEU A 45 36.16 16.74 -9.77
N PRO A 46 37.40 16.95 -10.22
CA PRO A 46 37.75 16.67 -11.60
C PRO A 46 37.54 15.20 -11.91
N LYS A 47 37.79 14.34 -10.93
CA LYS A 47 37.65 12.90 -11.07
C LYS A 47 36.23 12.40 -11.16
N ASN A 48 35.29 13.18 -10.66
CA ASN A 48 33.91 12.74 -10.67
C ASN A 48 33.16 13.29 -11.89
N LYS A 49 33.92 13.86 -12.83
CA LYS A 49 33.34 14.55 -13.97
C LYS A 49 32.45 13.63 -14.77
N ASN A 50 32.90 12.40 -14.99
CA ASN A 50 32.12 11.48 -15.79
C ASN A 50 31.14 10.63 -14.95
N ARG A 51 31.02 10.96 -13.67
CA ARG A 51 30.01 10.35 -12.80
C ARG A 51 28.72 11.19 -12.78
N ASN A 52 28.77 12.34 -13.46
CA ASN A 52 27.59 13.21 -13.58
C ASN A 52 27.05 13.33 -15.00
N ARG A 53 25.75 13.09 -15.16
CA ARG A 53 25.10 13.21 -16.46
C ARG A 53 25.08 14.65 -16.96
N TYR A 54 24.91 15.58 -16.03
CA TYR A 54 24.86 17.00 -16.36
C TYR A 54 25.79 17.87 -15.52
N ARG A 55 26.49 18.76 -16.22
CA ARG A 55 27.41 19.69 -15.59
C ARG A 55 26.62 20.56 -14.62
N ASP A 56 25.37 20.85 -14.98
CA ASP A 56 24.54 21.76 -14.20
C ASP A 56 23.66 21.09 -13.14
N VAL A 57 23.77 19.77 -12.97
CA VAL A 57 22.99 19.13 -11.89
C VAL A 57 23.80 18.28 -10.91
N SER A 58 23.93 18.76 -9.68
CA SER A 58 24.80 18.12 -8.72
C SER A 58 24.21 18.06 -7.31
N PRO A 59 24.54 17.01 -6.56
CA PRO A 59 24.09 16.88 -5.17
C PRO A 59 24.83 17.85 -4.31
N PHE A 60 24.15 18.43 -3.31
CA PHE A 60 24.83 19.23 -2.31
C PHE A 60 25.70 18.30 -1.49
N ASP A 61 26.83 18.79 -1.01
CA ASP A 61 27.73 17.93 -0.28
C ASP A 61 27.08 17.39 0.99
N HIS A 62 26.33 18.24 1.67
CA HIS A 62 25.73 17.87 2.95
C HIS A 62 24.74 16.71 2.85
N SER A 63 23.95 16.68 1.76
CA SER A 63 22.91 15.67 1.55
C SER A 63 23.24 14.54 0.56
N ARG A 64 24.40 14.59 -0.09
CA ARG A 64 24.76 13.56 -1.09
C ARG A 64 24.88 12.14 -0.49
N ILE A 65 24.42 11.11 -1.20
CA ILE A 65 24.63 9.73 -0.77
C ILE A 65 26.08 9.29 -1.00
N LYS A 66 26.65 8.54 -0.07
CA LYS A 66 28.01 8.02 -0.22
C LYS A 66 27.98 6.51 -0.47
N LEU A 67 28.62 6.05 -1.54
CA LEU A 67 28.73 4.61 -1.74
C LEU A 67 29.71 4.15 -0.68
N HIS A 68 29.46 3.01 -0.04
CA HIS A 68 30.29 2.61 1.10
C HIS A 68 31.50 1.81 0.73
N GLN A 69 31.64 1.47 -0.55
CA GLN A 69 32.79 0.71 -1.03
C GLN A 69 34.03 1.62 -1.16
N GLU A 70 35.22 1.06 -0.92
CA GLU A 70 36.43 1.87 -0.68
C GLU A 70 36.87 2.80 -1.80
N ASP A 71 36.69 2.37 -3.05
CA ASP A 71 37.35 3.02 -4.17
C ASP A 71 37.10 4.53 -4.26
N ASN A 72 35.84 4.91 -4.43
CA ASN A 72 35.47 6.29 -4.53
C ASN A 72 34.03 6.28 -4.06
N ASP A 73 33.66 7.28 -3.28
CA ASP A 73 32.36 7.22 -2.62
C ASP A 73 31.27 8.03 -3.29
N TYR A 74 31.55 8.54 -4.49
CA TYR A 74 30.65 9.49 -5.15
C TYR A 74 29.61 8.91 -6.11
N ILE A 75 28.35 9.28 -5.90
CA ILE A 75 27.29 9.06 -6.89
C ILE A 75 26.49 10.35 -6.92
N ASN A 76 25.85 10.64 -8.04
CA ASN A 76 25.03 11.83 -8.16
C ASN A 76 23.64 11.54 -7.59
N ALA A 77 23.56 11.50 -6.27
CA ALA A 77 22.33 11.18 -5.59
C ALA A 77 22.18 12.02 -4.31
N SER A 78 20.95 12.41 -3.98
CA SER A 78 20.70 13.16 -2.76
C SER A 78 19.65 12.51 -1.92
N LEU A 79 19.90 12.45 -0.62
CA LEU A 79 18.91 11.97 0.33
C LEU A 79 18.03 13.10 0.80
N ILE A 80 16.74 12.93 0.62
CA ILE A 80 15.81 13.94 1.02
C ILE A 80 15.11 13.43 2.24
N LYS A 81 15.24 14.17 3.33
CA LYS A 81 14.64 13.71 4.55
C LYS A 81 13.55 14.67 4.93
N MET A 82 12.33 14.14 5.01
CA MET A 82 11.19 14.94 5.42
C MET A 82 10.69 14.44 6.77
N GLU A 83 11.10 15.19 7.79
CA GLU A 83 10.94 14.82 9.19
C GLU A 83 9.48 14.75 9.67
N GLU A 84 8.68 15.75 9.31
CA GLU A 84 7.30 15.81 9.74
C GLU A 84 6.51 14.64 9.16
N ALA A 85 6.68 14.42 7.85
CA ALA A 85 6.06 13.30 7.12
C ALA A 85 6.68 11.93 7.41
N GLN A 86 7.85 11.95 8.03
CA GLN A 86 8.54 10.72 8.34
C GLN A 86 8.76 9.86 7.11
N ARG A 87 9.13 10.49 6.01
CA ARG A 87 9.43 9.80 4.77
C ARG A 87 10.75 10.26 4.17
N SER A 88 11.47 9.35 3.56
CA SER A 88 12.74 9.68 2.94
C SER A 88 12.80 9.28 1.49
N TYR A 89 13.48 10.07 0.68
CA TYR A 89 13.65 9.71 -0.73
C TYR A 89 15.11 9.86 -1.10
N ILE A 90 15.56 8.98 -2.00
CA ILE A 90 16.82 9.21 -2.67
C ILE A 90 16.51 9.60 -4.12
N LEU A 91 16.96 10.78 -4.50
CA LEU A 91 16.75 11.24 -5.85
C LEU A 91 18.07 11.23 -6.55
N THR A 92 18.12 10.58 -7.69
CA THR A 92 19.39 10.40 -8.37
C THR A 92 19.23 10.56 -9.87
N GLN A 93 20.33 10.86 -10.55
CA GLN A 93 20.28 10.99 -12.00
C GLN A 93 20.12 9.59 -12.55
N GLY A 94 19.59 9.51 -13.77
CA GLY A 94 19.48 8.25 -14.48
C GLY A 94 20.89 7.77 -14.72
N PRO A 95 21.15 6.48 -14.44
CA PRO A 95 22.52 5.95 -14.38
C PRO A 95 23.24 6.09 -15.72
N LEU A 96 24.53 6.40 -15.66
CA LEU A 96 25.37 6.38 -16.85
C LEU A 96 25.85 4.97 -16.98
N PRO A 97 26.34 4.62 -18.18
CA PRO A 97 26.89 3.28 -18.43
C PRO A 97 27.99 2.92 -17.41
N ASN A 98 28.85 3.88 -17.05
CA ASN A 98 29.84 3.71 -15.98
C ASN A 98 29.29 3.66 -14.54
N THR A 99 28.15 4.30 -14.29
CA THR A 99 27.65 4.39 -12.93
C THR A 99 26.57 3.33 -12.57
N CYS A 100 26.28 2.39 -13.46
CA CYS A 100 25.26 1.37 -13.18
C CYS A 100 25.63 0.57 -11.95
N GLY A 101 26.91 0.19 -11.87
CA GLY A 101 27.42 -0.56 -10.75
C GLY A 101 27.27 0.26 -9.48
N HIS A 102 27.55 1.55 -9.57
CA HIS A 102 27.43 2.46 -8.43
C HIS A 102 25.98 2.54 -8.02
N PHE A 103 25.11 2.67 -9.01
CA PHE A 103 23.70 2.84 -8.74
C PHE A 103 23.17 1.67 -7.93
N TRP A 104 23.43 0.45 -8.41
CA TRP A 104 22.95 -0.74 -7.74
C TRP A 104 23.57 -0.93 -6.39
N GLU A 105 24.81 -0.46 -6.23
CA GLU A 105 25.45 -0.47 -4.93
C GLU A 105 24.74 0.46 -3.93
N MET A 106 24.33 1.63 -4.39
CA MET A 106 23.61 2.51 -3.50
C MET A 106 22.30 1.83 -3.07
N VAL A 107 21.62 1.13 -3.98
CA VAL A 107 20.36 0.44 -3.67
C VAL A 107 20.54 -0.64 -2.63
N TRP A 108 21.63 -1.39 -2.73
CA TRP A 108 21.92 -2.40 -1.75
C TRP A 108 22.24 -1.79 -0.40
N GLU A 109 23.19 -0.84 -0.41
CA GLU A 109 23.72 -0.25 0.80
C GLU A 109 22.67 0.54 1.59
N GLN A 110 21.77 1.18 0.87
CA GLN A 110 20.71 1.96 1.50
C GLN A 110 19.48 1.11 1.90
N LYS A 111 19.52 -0.20 1.63
CA LYS A 111 18.44 -1.12 2.01
C LYS A 111 17.09 -0.72 1.38
N SER A 112 17.18 -0.24 0.14
CA SER A 112 16.04 0.22 -0.62
C SER A 112 15.26 -0.95 -1.15
N ARG A 113 13.95 -0.89 -1.10
CA ARG A 113 13.16 -1.96 -1.62
C ARG A 113 12.54 -1.60 -2.96
N GLY A 114 12.54 -0.32 -3.28
CA GLY A 114 11.91 0.15 -4.50
C GLY A 114 12.73 1.12 -5.32
N VAL A 115 12.56 1.07 -6.63
CA VAL A 115 13.15 2.05 -7.51
C VAL A 115 12.06 2.64 -8.40
N VAL A 116 11.90 3.96 -8.32
CA VAL A 116 10.88 4.65 -9.12
C VAL A 116 11.60 5.35 -10.28
N MET A 117 11.20 5.06 -11.52
CA MET A 117 11.80 5.62 -12.75
C MET A 117 10.76 6.42 -13.52
N LEU A 118 11.00 7.71 -13.74
CA LEU A 118 9.94 8.54 -14.31
C LEU A 118 10.24 9.00 -15.73
N ASN A 119 11.32 8.47 -16.29
CA ASN A 119 11.72 8.79 -17.64
C ASN A 119 11.75 7.58 -18.56
N ARG A 120 11.43 7.78 -19.83
CA ARG A 120 11.54 6.71 -20.81
C ARG A 120 13.00 6.53 -21.17
N VAL A 121 13.37 5.34 -21.59
CA VAL A 121 14.76 5.08 -21.93
C VAL A 121 15.21 5.91 -23.11
N MET A 122 14.32 6.07 -24.09
CA MET A 122 14.55 6.93 -25.23
C MET A 122 15.66 7.94 -24.97
N LEU A 127 18.18 10.00 -25.85
CA LEU A 127 18.84 9.01 -25.00
C LEU A 127 19.01 9.49 -23.54
N LYS A 128 17.97 9.34 -22.73
CA LYS A 128 17.89 10.03 -21.44
C LYS A 128 18.57 9.32 -20.26
N CYS A 129 18.77 8.02 -20.40
CA CYS A 129 19.26 7.19 -19.31
C CYS A 129 19.57 5.78 -19.80
N ALA A 130 20.65 5.18 -19.29
CA ALA A 130 21.04 3.84 -19.72
C ALA A 130 20.00 2.81 -19.27
N GLN A 131 20.05 1.63 -19.83
CA GLN A 131 19.13 0.59 -19.40
C GLN A 131 19.94 -0.25 -18.39
N TYR A 132 19.63 -0.06 -17.11
CA TYR A 132 20.45 -0.55 -15.99
C TYR A 132 19.88 -1.82 -15.39
N TRP A 133 18.83 -2.34 -16.02
CA TRP A 133 18.15 -3.55 -15.55
C TRP A 133 18.00 -4.56 -16.69
N PRO A 134 17.90 -5.87 -16.36
CA PRO A 134 17.79 -6.96 -17.33
C PRO A 134 16.51 -6.91 -18.13
N GLN A 135 16.64 -6.96 -19.44
CA GLN A 135 15.52 -7.05 -20.36
C GLN A 135 14.85 -8.42 -20.35
N LYS A 136 15.67 -9.46 -20.19
CA LYS A 136 15.17 -10.83 -20.19
C LYS A 136 15.62 -11.55 -18.92
N GLU A 137 14.80 -12.48 -18.46
CA GLU A 137 15.09 -13.29 -17.28
C GLU A 137 16.37 -14.05 -17.52
N GLU A 138 16.43 -14.65 -18.70
CA GLU A 138 17.53 -15.50 -19.09
C GLU A 138 18.83 -14.70 -19.15
N LYS A 139 18.70 -13.40 -19.37
CA LYS A 139 19.84 -12.51 -19.44
C LYS A 139 20.10 -11.61 -18.23
N GLU A 140 20.57 -12.21 -17.13
CA GLU A 140 20.85 -11.45 -15.92
C GLU A 140 22.10 -10.62 -16.11
N MET A 141 22.29 -9.64 -15.23
CA MET A 141 23.39 -8.72 -15.33
C MET A 141 24.36 -8.88 -14.17
N ILE A 142 25.65 -8.74 -14.47
CA ILE A 142 26.67 -8.69 -13.43
C ILE A 142 27.46 -7.40 -13.52
N PHE A 143 27.55 -6.73 -12.38
CA PHE A 143 28.31 -5.50 -12.29
C PHE A 143 29.63 -5.81 -11.58
N GLU A 144 30.68 -5.99 -12.38
CA GLU A 144 31.98 -6.40 -11.86
C GLU A 144 32.65 -5.40 -10.93
N ASP A 145 32.41 -4.10 -11.15
CA ASP A 145 32.98 -3.05 -10.29
C ASP A 145 32.48 -3.10 -8.84
N THR A 146 31.17 -3.29 -8.68
CA THR A 146 30.55 -3.32 -7.37
C THR A 146 30.19 -4.72 -6.92
N ASN A 147 30.47 -5.69 -7.79
CA ASN A 147 30.19 -7.10 -7.53
C ASN A 147 28.73 -7.45 -7.23
N LEU A 148 27.80 -6.98 -8.05
CA LEU A 148 26.38 -7.22 -7.81
C LEU A 148 25.75 -7.94 -8.98
N LYS A 149 24.94 -8.95 -8.71
CA LYS A 149 24.30 -9.66 -9.80
C LYS A 149 22.82 -9.32 -9.77
N LEU A 150 22.28 -8.91 -10.92
CA LEU A 150 20.90 -8.49 -11.02
C LEU A 150 20.11 -9.33 -12.00
N THR A 151 19.05 -9.95 -11.48
CA THR A 151 18.22 -10.76 -12.33
C THR A 151 16.81 -10.25 -12.36
N LEU A 152 16.21 -10.24 -13.55
CA LEU A 152 14.80 -9.89 -13.70
C LEU A 152 13.92 -11.13 -13.45
N ILE A 153 13.20 -11.10 -12.33
CA ILE A 153 12.26 -12.18 -11.99
C ILE A 153 11.01 -12.20 -12.82
N SER A 154 10.38 -11.04 -12.91
CA SER A 154 9.11 -10.88 -13.56
C SER A 154 8.84 -9.42 -13.85
N GLU A 155 8.10 -9.16 -14.94
CA GLU A 155 7.66 -7.81 -15.24
C GLU A 155 6.18 -7.82 -15.65
N ASP A 156 5.40 -6.86 -15.13
CA ASP A 156 3.99 -6.73 -15.57
C ASP A 156 3.91 -5.38 -16.26
N ILE A 157 3.47 -5.38 -17.51
CA ILE A 157 3.40 -4.17 -18.30
C ILE A 157 1.95 -3.69 -18.36
N LYS A 158 1.77 -2.39 -18.24
CA LYS A 158 0.45 -1.79 -18.21
C LYS A 158 0.41 -0.61 -19.17
N SER A 159 -0.78 -0.04 -19.34
CA SER A 159 -0.99 1.02 -20.31
C SER A 159 -0.15 2.26 -20.03
N TYR A 160 -0.03 2.64 -18.76
CA TYR A 160 0.70 3.85 -18.41
C TYR A 160 2.05 3.63 -17.73
N TYR A 161 2.26 2.45 -17.18
CA TYR A 161 3.49 2.17 -16.46
C TYR A 161 3.86 0.70 -16.43
N THR A 162 5.08 0.41 -16.01
CA THR A 162 5.52 -0.97 -15.86
C THR A 162 6.13 -1.26 -14.49
N VAL A 163 5.75 -2.39 -13.90
CA VAL A 163 6.33 -2.84 -12.64
C VAL A 163 7.10 -4.14 -12.86
N ARG A 164 8.33 -4.17 -12.35
CA ARG A 164 9.18 -5.34 -12.54
C ARG A 164 9.65 -5.78 -11.19
N GLN A 165 9.87 -7.09 -11.08
CA GLN A 165 10.39 -7.66 -9.86
C GLN A 165 11.78 -8.13 -10.21
N LEU A 166 12.76 -7.66 -9.47
CA LEU A 166 14.15 -7.93 -9.76
C LEU A 166 14.76 -8.59 -8.55
N GLU A 167 15.80 -9.38 -8.75
CA GLU A 167 16.59 -9.87 -7.63
C GLU A 167 18.00 -9.32 -7.72
N LEU A 168 18.39 -8.58 -6.70
CA LEU A 168 19.74 -8.03 -6.61
C LEU A 168 20.46 -8.89 -5.59
N GLU A 169 21.58 -9.48 -5.99
CA GLU A 169 22.34 -10.32 -5.10
C GLU A 169 23.71 -9.69 -4.96
N ASN A 170 24.14 -9.55 -3.72
CA ASN A 170 25.49 -9.10 -3.43
C ASN A 170 26.35 -10.35 -3.53
N LEU A 171 27.24 -10.37 -4.52
CA LEU A 171 28.11 -11.52 -4.72
C LEU A 171 29.06 -11.71 -3.54
N THR A 172 29.46 -10.62 -2.91
CA THR A 172 30.38 -10.67 -1.80
C THR A 172 29.78 -11.43 -0.62
N THR A 173 28.59 -11.01 -0.23
CA THR A 173 27.95 -11.55 0.96
C THR A 173 27.02 -12.76 0.67
N GLN A 174 26.70 -12.93 -0.61
CA GLN A 174 25.81 -13.98 -1.06
C GLN A 174 24.44 -13.78 -0.43
N GLU A 175 24.12 -12.54 -0.12
CA GLU A 175 22.81 -12.18 0.39
C GLU A 175 21.98 -11.77 -0.81
N THR A 176 20.67 -11.86 -0.66
CA THR A 176 19.72 -11.62 -1.74
C THR A 176 18.65 -10.60 -1.32
N ARG A 177 18.23 -9.75 -2.25
CA ARG A 177 17.16 -8.83 -1.92
C ARG A 177 16.15 -8.70 -3.09
N GLU A 178 14.86 -8.55 -2.79
CA GLU A 178 13.87 -8.37 -3.85
C GLU A 178 13.55 -6.90 -4.03
N ILE A 179 13.82 -6.41 -5.23
CA ILE A 179 13.61 -5.03 -5.56
C ILE A 179 12.45 -4.91 -6.54
N LEU A 180 11.58 -3.94 -6.28
CA LEU A 180 10.44 -3.71 -7.16
C LEU A 180 10.76 -2.47 -7.99
N HIS A 181 10.64 -2.60 -9.30
CA HIS A 181 10.97 -1.50 -10.20
C HIS A 181 9.69 -0.93 -10.79
N PHE A 182 9.41 0.34 -10.48
CA PHE A 182 8.20 1.04 -10.90
C PHE A 182 8.54 2.10 -11.93
N HIS A 183 8.06 1.89 -13.15
CA HIS A 183 8.47 2.66 -14.31
C HIS A 183 7.28 3.41 -14.88
N TYR A 184 7.28 4.72 -14.77
CA TYR A 184 6.21 5.48 -15.38
C TYR A 184 6.70 5.68 -16.80
N THR A 185 5.96 5.17 -17.75
CA THR A 185 6.46 5.11 -19.13
C THR A 185 5.82 6.15 -20.05
N THR A 186 4.81 6.86 -19.56
CA THR A 186 4.10 7.87 -20.35
C THR A 186 4.43 9.34 -20.02
N TRP A 187 5.54 9.56 -19.35
CA TRP A 187 5.89 10.90 -19.00
C TRP A 187 7.02 11.40 -19.83
N PRO A 188 6.74 12.41 -20.68
CA PRO A 188 7.75 13.05 -21.54
C PRO A 188 8.74 13.95 -20.76
N ASP A 189 9.94 14.13 -21.31
CA ASP A 189 11.00 14.97 -20.71
C ASP A 189 10.68 16.46 -20.75
N PHE A 190 10.86 17.12 -19.60
CA PHE A 190 10.52 18.54 -19.40
C PHE A 190 9.02 18.75 -19.61
N GLY A 191 8.24 17.68 -19.50
CA GLY A 191 6.86 17.71 -19.93
C GLY A 191 5.93 17.22 -18.84
N VAL A 192 4.64 17.37 -19.08
CA VAL A 192 3.64 16.99 -18.11
C VAL A 192 2.65 15.94 -18.66
N PRO A 193 2.26 14.93 -17.85
CA PRO A 193 1.23 14.01 -18.32
C PRO A 193 -0.12 14.70 -18.50
N GLU A 194 -0.93 14.22 -19.45
CA GLU A 194 -2.18 14.86 -19.84
C GLU A 194 -3.10 14.98 -18.63
N SER A 195 -3.04 13.98 -17.75
CA SER A 195 -3.80 13.99 -16.51
C SER A 195 -3.07 13.47 -15.27
N PRO A 196 -3.40 14.08 -14.10
CA PRO A 196 -2.96 13.77 -12.74
C PRO A 196 -3.33 12.38 -12.25
N ALA A 197 -4.50 11.87 -12.65
CA ALA A 197 -5.00 10.58 -12.16
C ALA A 197 -4.16 9.41 -12.55
N SER A 198 -3.64 9.44 -13.78
CA SER A 198 -2.79 8.38 -14.26
C SER A 198 -1.53 8.29 -13.37
N PHE A 199 -0.94 9.46 -13.13
CA PHE A 199 0.22 9.61 -12.24
C PHE A 199 -0.08 9.25 -10.76
N LEU A 200 -1.23 9.68 -10.25
CA LEU A 200 -1.64 9.40 -8.88
C LEU A 200 -1.82 7.90 -8.69
N ASN A 201 -2.41 7.24 -9.70
CA ASN A 201 -2.58 5.78 -9.70
C ASN A 201 -1.22 5.11 -9.61
N PHE A 202 -0.26 5.65 -10.37
CA PHE A 202 1.11 5.17 -10.33
C PHE A 202 1.65 5.28 -8.92
N LEU A 203 1.40 6.42 -8.28
CA LEU A 203 1.88 6.69 -6.92
C LEU A 203 1.30 5.71 -5.88
N PHE A 204 -0.01 5.46 -5.94
CA PHE A 204 -0.62 4.60 -4.95
C PHE A 204 -0.15 3.17 -5.11
N LYS A 205 0.17 2.82 -6.35
CA LYS A 205 0.69 1.49 -6.62
C LYS A 205 2.02 1.35 -5.91
N VAL A 206 2.83 2.40 -5.99
CA VAL A 206 4.13 2.41 -5.33
C VAL A 206 3.95 2.32 -3.83
N ARG A 207 2.96 3.03 -3.30
CA ARG A 207 2.64 3.05 -1.86
C ARG A 207 2.19 1.70 -1.37
N GLU A 208 1.28 1.12 -2.15
CA GLU A 208 0.62 -0.12 -1.81
C GLU A 208 1.63 -1.25 -1.59
N SER A 209 2.71 -1.20 -2.37
CA SER A 209 3.81 -2.18 -2.36
C SER A 209 4.69 -2.09 -1.12
N GLY A 210 4.54 -1.00 -0.39
CA GLY A 210 5.30 -0.80 0.84
C GLY A 210 6.72 -0.29 0.65
N SER A 211 7.05 0.01 -0.60
CA SER A 211 8.37 0.51 -0.95
C SER A 211 8.70 1.82 -0.23
N LEU A 212 7.66 2.50 0.26
CA LEU A 212 7.80 3.75 0.95
C LEU A 212 7.73 3.63 2.45
N SER A 213 7.67 2.41 2.94
CA SER A 213 7.60 2.19 4.38
C SER A 213 8.91 2.55 5.06
N PRO A 214 8.79 3.00 6.30
CA PRO A 214 9.92 3.34 7.16
C PRO A 214 10.71 2.11 7.51
N GLU A 215 10.08 0.96 7.40
CA GLU A 215 10.73 -0.30 7.67
C GLU A 215 11.86 -0.51 6.68
N HIS A 216 11.70 0.02 5.48
CA HIS A 216 12.68 -0.19 4.42
C HIS A 216 13.54 1.05 4.26
N GLY A 217 14.62 0.92 3.48
CA GLY A 217 15.44 2.08 3.18
C GLY A 217 14.68 3.04 2.28
N PRO A 218 15.21 4.24 2.08
CA PRO A 218 14.51 5.24 1.26
C PRO A 218 14.43 4.75 -0.18
N VAL A 219 13.25 4.85 -0.80
CA VAL A 219 13.02 4.42 -2.17
C VAL A 219 13.97 5.23 -3.08
N VAL A 220 14.42 4.62 -4.18
CA VAL A 220 15.26 5.40 -5.09
C VAL A 220 14.37 5.89 -6.23
N VAL A 221 14.30 7.22 -6.36
CA VAL A 221 13.51 7.87 -7.40
C VAL A 221 14.49 8.47 -8.36
N HIS A 222 14.23 8.33 -9.64
CA HIS A 222 15.10 8.87 -10.65
C HIS A 222 14.35 9.20 -11.92
N SER A 223 14.98 10.01 -12.76
CA SER A 223 14.45 10.47 -14.02
C SER A 223 15.71 10.73 -14.76
N SER A 224 15.69 11.43 -15.88
CA SER A 224 16.95 11.68 -16.56
C SER A 224 17.92 12.54 -15.76
N ALA A 225 17.45 13.63 -15.20
CA ALA A 225 18.30 14.49 -14.40
C ALA A 225 18.20 14.17 -12.93
N GLY A 226 17.06 13.63 -12.54
CA GLY A 226 16.79 13.36 -11.14
C GLY A 226 16.29 14.60 -10.39
N ILE A 227 15.77 15.57 -11.13
CA ILE A 227 15.27 16.80 -10.53
C ILE A 227 13.82 17.15 -10.89
N GLY A 228 13.50 17.29 -12.17
CA GLY A 228 12.15 17.65 -12.51
C GLY A 228 10.99 16.68 -12.40
N ARG A 229 11.13 15.52 -13.02
CA ARG A 229 10.09 14.50 -12.93
C ARG A 229 10.02 13.87 -11.58
N SER A 230 11.20 13.60 -11.05
CA SER A 230 11.37 13.00 -9.74
C SER A 230 10.92 13.93 -8.65
N GLY A 231 11.21 15.20 -8.82
CA GLY A 231 10.84 16.18 -7.82
C GLY A 231 9.34 16.28 -7.70
N THR A 232 8.67 16.15 -8.83
CA THR A 232 7.22 16.18 -8.84
C THR A 232 6.62 15.01 -8.06
N PHE A 233 7.17 13.82 -8.26
CA PHE A 233 6.70 12.59 -7.62
C PHE A 233 6.82 12.69 -6.10
N CYS A 234 8.01 13.06 -5.65
CA CYS A 234 8.30 13.26 -4.22
C CYS A 234 7.53 14.40 -3.55
N LEU A 235 7.35 15.52 -4.26
CA LEU A 235 6.63 16.66 -3.73
C LEU A 235 5.17 16.26 -3.52
N ALA A 236 4.63 15.54 -4.50
CA ALA A 236 3.24 15.10 -4.49
C ALA A 236 2.95 14.16 -3.34
N ASP A 237 3.82 13.15 -3.19
CA ASP A 237 3.63 12.14 -2.17
C ASP A 237 3.68 12.78 -0.79
N THR A 238 4.66 13.66 -0.60
CA THR A 238 4.86 14.30 0.68
C THR A 238 3.67 15.22 1.06
N CYS A 239 3.20 16.04 0.13
CA CYS A 239 2.09 16.95 0.44
C CYS A 239 0.89 16.15 0.89
N LEU A 240 0.61 15.07 0.14
CA LEU A 240 -0.51 14.16 0.41
C LEU A 240 -0.34 13.43 1.73
N LEU A 241 0.89 13.05 2.05
CA LEU A 241 1.16 12.43 3.33
C LEU A 241 0.84 13.41 4.43
N LEU A 242 1.31 14.66 4.25
CA LEU A 242 1.19 15.67 5.28
C LEU A 242 -0.27 15.90 5.61
N MET A 243 -1.08 16.02 4.57
CA MET A 243 -2.49 16.30 4.76
C MET A 243 -3.16 15.21 5.60
N ASP A 244 -2.77 13.96 5.35
CA ASP A 244 -3.32 12.86 6.12
C ASP A 244 -2.92 12.97 7.57
N LYS A 245 -1.62 13.15 7.78
CA LYS A 245 -1.05 13.18 9.12
C LYS A 245 -1.55 14.38 9.93
N ARG A 246 -1.61 15.53 9.30
CA ARG A 246 -1.84 16.78 10.01
C ARG A 246 -3.23 16.93 10.62
N LYS A 247 -3.27 17.74 11.68
CA LYS A 247 -4.52 18.09 12.34
C LYS A 247 -5.44 18.93 11.45
N ASP A 248 -4.89 19.92 10.76
CA ASP A 248 -5.63 20.65 9.73
C ASP A 248 -4.94 20.47 8.39
N PRO A 249 -5.54 19.66 7.49
CA PRO A 249 -4.98 19.41 6.15
C PRO A 249 -4.82 20.68 5.31
N SER A 250 -5.65 21.68 5.57
CA SER A 250 -5.64 22.96 4.85
C SER A 250 -4.30 23.72 4.99
N SER A 251 -3.58 23.45 6.08
CA SER A 251 -2.29 24.10 6.36
C SER A 251 -1.19 23.76 5.35
N VAL A 252 -1.26 22.59 4.74
CA VAL A 252 -0.20 22.15 3.86
C VAL A 252 -0.02 23.11 2.68
N ASP A 253 1.19 23.65 2.56
CA ASP A 253 1.55 24.55 1.48
C ASP A 253 2.56 23.89 0.56
N ILE A 254 2.18 23.68 -0.71
CA ILE A 254 3.05 23.01 -1.66
C ILE A 254 4.37 23.77 -1.83
N LYS A 255 4.27 25.11 -1.90
CA LYS A 255 5.43 25.97 -2.08
C LYS A 255 6.40 25.78 -0.90
N LYS A 256 5.86 25.69 0.31
CA LYS A 256 6.67 25.43 1.49
C LYS A 256 7.35 24.08 1.39
N VAL A 257 6.59 23.09 0.95
CA VAL A 257 7.11 21.74 0.86
C VAL A 257 8.20 21.65 -0.21
N LEU A 258 7.99 22.31 -1.34
CA LEU A 258 8.97 22.21 -2.42
C LEU A 258 10.33 22.81 -2.00
N LEU A 259 10.30 23.96 -1.32
CA LEU A 259 11.49 24.63 -0.86
C LEU A 259 12.21 23.87 0.24
N GLU A 260 11.47 23.12 1.05
CA GLU A 260 12.11 22.25 2.03
C GLU A 260 12.89 21.13 1.36
N MET A 261 12.32 20.56 0.31
CA MET A 261 12.99 19.52 -0.44
C MET A 261 14.23 20.06 -1.15
N ARG A 262 14.13 21.31 -1.64
CA ARG A 262 15.21 21.94 -2.41
C ARG A 262 16.41 22.28 -1.54
N LYS A 263 16.24 22.18 -0.23
CA LYS A 263 17.34 22.23 0.71
C LYS A 263 18.23 21.00 0.49
N PHE A 264 17.58 19.87 0.23
CA PHE A 264 18.26 18.59 -0.01
C PHE A 264 18.85 18.33 -1.39
N ARG A 265 18.14 18.79 -2.42
CA ARG A 265 18.64 18.67 -3.78
C ARG A 265 18.25 19.87 -4.58
N MET A 266 19.19 20.40 -5.35
CA MET A 266 18.91 21.54 -6.20
C MET A 266 17.87 21.22 -7.27
N GLY A 267 17.14 22.25 -7.69
CA GLY A 267 16.41 22.23 -8.95
C GLY A 267 15.18 21.38 -9.07
N LEU A 268 14.65 20.91 -7.94
CA LEU A 268 13.51 20.01 -7.95
C LEU A 268 12.33 20.71 -8.60
N ILE A 269 11.68 20.01 -9.53
CA ILE A 269 10.66 20.56 -10.43
C ILE A 269 11.25 21.61 -11.39
N GLN A 270 11.38 21.25 -12.67
CA GLN A 270 12.09 22.12 -13.59
C GLN A 270 11.26 23.12 -14.40
N THR A 271 9.94 23.02 -14.36
CA THR A 271 9.14 23.90 -15.21
C THR A 271 7.96 24.50 -14.48
N ALA A 272 7.42 25.59 -15.04
CA ALA A 272 6.21 26.15 -14.50
C ALA A 272 5.09 25.15 -14.74
N ASP A 273 5.18 24.48 -15.89
CA ASP A 273 4.20 23.47 -16.30
C ASP A 273 4.20 22.27 -15.34
N GLN A 274 5.39 21.88 -14.89
CA GLN A 274 5.50 20.83 -13.88
C GLN A 274 4.88 21.31 -12.54
N LEU A 275 5.15 22.55 -12.18
CA LEU A 275 4.66 23.09 -10.92
C LEU A 275 3.14 23.10 -10.92
N ARG A 276 2.54 23.52 -12.03
CA ARG A 276 1.08 23.52 -12.10
C ARG A 276 0.54 22.11 -11.93
N PHE A 277 1.22 21.13 -12.54
CA PHE A 277 0.79 19.74 -12.46
C PHE A 277 0.83 19.18 -11.05
N SER A 278 1.89 19.52 -10.32
CA SER A 278 2.06 19.05 -8.93
C SER A 278 0.85 19.50 -8.11
N TYR A 279 0.44 20.75 -8.33
CA TYR A 279 -0.76 21.29 -7.70
C TYR A 279 -1.96 20.45 -8.07
N LEU A 280 -2.15 20.24 -9.36
CA LEU A 280 -3.29 19.50 -9.84
C LEU A 280 -3.25 18.10 -9.24
N ALA A 281 -2.08 17.47 -9.29
CA ALA A 281 -1.93 16.11 -8.78
C ALA A 281 -2.24 16.06 -7.29
N VAL A 282 -1.67 17.02 -6.55
CA VAL A 282 -1.90 17.08 -5.11
C VAL A 282 -3.34 17.40 -4.82
N ILE A 283 -3.92 18.29 -5.61
CA ILE A 283 -5.32 18.67 -5.44
C ILE A 283 -6.20 17.45 -5.69
N GLU A 284 -6.01 16.79 -6.84
CA GLU A 284 -6.78 15.59 -7.17
C GLU A 284 -6.46 14.43 -6.22
N GLY A 285 -5.20 14.34 -5.82
CA GLY A 285 -4.77 13.28 -4.93
C GLY A 285 -5.51 13.32 -3.63
N ALA A 286 -5.71 14.51 -3.07
CA ALA A 286 -6.36 14.61 -1.76
C ALA A 286 -7.90 14.52 -1.80
N LYS A 287 -8.48 14.51 -2.99
CA LYS A 287 -9.89 14.24 -3.12
C LYS A 287 -10.03 12.77 -2.75
N PHE A 288 -9.04 11.99 -3.18
CA PHE A 288 -9.04 10.55 -2.96
C PHE A 288 -8.84 10.21 -1.50
N ILE A 289 -7.80 10.79 -0.91
CA ILE A 289 -7.52 10.50 0.49
C ILE A 289 -8.69 10.93 1.36
N MET A 290 -9.32 12.04 0.98
CA MET A 290 -10.49 12.57 1.67
C MET A 290 -11.78 11.99 1.14
N ILE B 18 -17.84 -4.35 -18.74
CA ILE B 18 -18.78 -3.64 -17.90
C ILE B 18 -20.24 -4.01 -18.24
N ASP B 19 -21.01 -4.36 -17.20
CA ASP B 19 -22.43 -4.65 -17.33
C ASP B 19 -23.18 -4.06 -16.15
N LYS B 20 -24.43 -3.67 -16.34
CA LYS B 20 -25.23 -3.12 -15.24
C LYS B 20 -26.62 -3.71 -15.18
N SER B 21 -26.73 -5.02 -15.39
CA SER B 21 -27.97 -5.58 -15.88
C SER B 21 -29.13 -5.29 -14.95
N GLY B 22 -28.90 -5.36 -13.66
CA GLY B 22 -29.95 -5.08 -12.72
C GLY B 22 -31.25 -5.87 -12.79
N SER B 23 -31.18 -7.20 -12.83
CA SER B 23 -29.99 -7.98 -13.12
C SER B 23 -28.97 -8.14 -12.01
N TRP B 24 -29.22 -7.53 -10.85
CA TRP B 24 -28.32 -7.77 -9.74
C TRP B 24 -29.00 -8.68 -8.75
N ALA B 25 -30.32 -8.58 -8.66
CA ALA B 25 -31.04 -9.53 -7.87
C ALA B 25 -30.86 -10.88 -8.49
N ALA B 26 -30.91 -10.92 -9.81
CA ALA B 26 -30.83 -12.19 -10.51
C ALA B 26 -29.50 -12.90 -10.35
N ILE B 27 -28.41 -12.18 -10.56
CA ILE B 27 -27.11 -12.83 -10.49
C ILE B 27 -26.95 -13.32 -9.08
N TYR B 28 -27.40 -12.48 -8.15
CA TYR B 28 -27.35 -12.77 -6.74
C TYR B 28 -28.21 -13.97 -6.42
N GLN B 29 -29.33 -14.11 -7.11
CA GLN B 29 -30.22 -15.25 -6.90
C GLN B 29 -29.53 -16.58 -7.23
N ASP B 30 -28.83 -16.60 -8.36
CA ASP B 30 -28.15 -17.81 -8.80
C ASP B 30 -27.09 -18.22 -7.82
N ILE B 31 -26.37 -17.23 -7.29
CA ILE B 31 -25.26 -17.45 -6.39
C ILE B 31 -25.70 -18.15 -5.12
N ARG B 32 -26.87 -17.78 -4.62
CA ARG B 32 -27.41 -18.39 -3.42
C ARG B 32 -27.71 -19.89 -3.58
N HIS B 33 -28.26 -20.28 -4.72
CA HIS B 33 -28.61 -21.67 -5.01
C HIS B 33 -27.37 -22.51 -5.31
N GLU B 34 -26.47 -21.92 -6.09
CA GLU B 34 -25.26 -22.58 -6.52
C GLU B 34 -24.20 -22.63 -5.42
N ALA B 35 -24.45 -21.95 -4.31
CA ALA B 35 -23.44 -21.84 -3.25
C ALA B 35 -23.16 -23.19 -2.58
N SER B 36 -21.92 -23.33 -2.07
CA SER B 36 -21.44 -24.55 -1.43
C SER B 36 -22.14 -24.87 -0.09
N ASP B 37 -22.13 -26.14 0.31
CA ASP B 37 -22.52 -26.54 1.67
C ASP B 37 -21.62 -27.63 2.25
N PHE B 38 -21.21 -27.44 3.49
CA PHE B 38 -20.38 -28.43 4.15
C PHE B 38 -20.80 -28.55 5.62
N PRO B 39 -20.44 -29.67 6.26
CA PRO B 39 -20.84 -29.88 7.66
C PRO B 39 -20.29 -28.80 8.56
N CYS B 40 -21.00 -28.53 9.66
CA CYS B 40 -20.51 -27.64 10.70
C CYS B 40 -20.64 -28.40 11.99
N ARG B 41 -20.05 -29.59 12.01
CA ARG B 41 -20.17 -30.49 13.13
C ARG B 41 -19.62 -29.88 14.43
N VAL B 42 -18.41 -29.33 14.40
CA VAL B 42 -17.81 -28.78 15.63
C VAL B 42 -18.53 -27.52 16.13
N ALA B 43 -18.94 -26.67 15.19
CA ALA B 43 -19.62 -25.42 15.52
C ALA B 43 -20.90 -25.73 16.26
N LYS B 44 -21.45 -26.92 15.99
CA LYS B 44 -22.75 -27.35 16.52
C LYS B 44 -22.70 -28.16 17.82
N LEU B 45 -21.50 -28.47 18.29
CA LEU B 45 -21.34 -29.22 19.53
C LEU B 45 -21.99 -28.44 20.65
N PRO B 46 -22.52 -29.16 21.65
CA PRO B 46 -23.22 -28.44 22.72
C PRO B 46 -22.26 -27.50 23.45
N LYS B 47 -21.01 -27.92 23.63
CA LYS B 47 -20.01 -27.12 24.35
C LYS B 47 -19.64 -25.85 23.59
N ASN B 48 -19.92 -25.86 22.31
CA ASN B 48 -19.59 -24.70 21.50
C ASN B 48 -20.80 -23.76 21.31
N LYS B 49 -21.89 -24.00 22.03
CA LYS B 49 -23.11 -23.24 21.79
C LYS B 49 -22.91 -21.77 22.05
N ASN B 50 -22.27 -21.45 23.17
CA ASN B 50 -22.07 -20.05 23.56
C ASN B 50 -20.79 -19.41 22.99
N ARG B 51 -20.11 -20.12 22.08
CA ARG B 51 -18.98 -19.55 21.33
C ARG B 51 -19.39 -18.94 19.97
N ASN B 52 -20.66 -19.13 19.60
CA ASN B 52 -21.18 -18.57 18.35
C ASN B 52 -22.20 -17.47 18.61
N ARG B 53 -21.99 -16.34 17.94
CA ARG B 53 -22.89 -15.20 18.03
C ARG B 53 -24.27 -15.48 17.41
N TYR B 54 -24.32 -16.26 16.34
CA TYR B 54 -25.60 -16.56 15.71
C TYR B 54 -25.79 -18.03 15.43
N ARG B 55 -27.01 -18.51 15.67
CA ARG B 55 -27.36 -19.88 15.40
C ARG B 55 -27.21 -20.17 13.90
N ASP B 56 -27.48 -19.18 13.06
CA ASP B 56 -27.50 -19.43 11.62
C ASP B 56 -26.16 -19.17 10.92
N VAL B 57 -25.13 -18.79 11.68
CA VAL B 57 -23.85 -18.54 11.03
C VAL B 57 -22.70 -19.33 11.65
N SER B 58 -22.16 -20.30 10.89
CA SER B 58 -21.14 -21.22 11.42
C SER B 58 -20.03 -21.54 10.43
N PRO B 59 -18.82 -21.78 10.95
CA PRO B 59 -17.72 -22.16 10.08
C PRO B 59 -17.88 -23.59 9.66
N PHE B 60 -17.55 -23.89 8.42
CA PHE B 60 -17.53 -25.28 7.98
C PHE B 60 -16.37 -25.96 8.71
N ASP B 61 -16.46 -27.27 8.92
CA ASP B 61 -15.39 -27.97 9.63
C ASP B 61 -14.09 -27.92 8.84
N HIS B 62 -14.18 -28.06 7.52
CA HIS B 62 -12.96 -28.11 6.75
C HIS B 62 -12.16 -26.79 6.81
N SER B 63 -12.85 -25.66 6.76
CA SER B 63 -12.17 -24.39 6.72
C SER B 63 -12.12 -23.69 8.08
N ARG B 64 -12.71 -24.29 9.10
CA ARG B 64 -12.71 -23.64 10.43
C ARG B 64 -11.29 -23.45 11.00
N ILE B 65 -11.04 -22.33 11.67
CA ILE B 65 -9.79 -22.15 12.44
C ILE B 65 -9.82 -22.86 13.79
N LYS B 66 -8.70 -23.42 14.19
CA LYS B 66 -8.57 -24.08 15.49
C LYS B 66 -7.60 -23.32 16.43
N LEU B 67 -8.04 -23.03 17.65
CA LEU B 67 -7.17 -22.44 18.66
C LEU B 67 -6.16 -23.50 19.09
N HIS B 68 -4.92 -23.13 19.36
CA HIS B 68 -3.90 -24.13 19.65
C HIS B 68 -3.91 -24.57 21.10
N GLN B 69 -4.81 -23.99 21.90
CA GLN B 69 -4.90 -24.39 23.30
C GLN B 69 -5.60 -25.71 23.55
N GLU B 70 -5.09 -26.40 24.58
CA GLU B 70 -5.47 -27.77 24.86
C GLU B 70 -6.94 -27.90 25.21
N ASP B 71 -7.45 -26.95 25.99
CA ASP B 71 -8.76 -27.08 26.61
C ASP B 71 -9.83 -27.33 25.55
N ASN B 72 -9.97 -26.40 24.62
CA ASN B 72 -10.95 -26.49 23.56
C ASN B 72 -10.38 -25.67 22.42
N ASP B 73 -10.52 -26.16 21.20
CA ASP B 73 -9.86 -25.54 20.06
C ASP B 73 -10.80 -24.74 19.17
N TYR B 74 -12.04 -24.54 19.63
CA TYR B 74 -13.03 -23.93 18.74
C TYR B 74 -13.16 -22.39 18.82
N ILE B 75 -13.13 -21.75 17.64
CA ILE B 75 -13.51 -20.35 17.49
C ILE B 75 -14.36 -20.28 16.21
N ASN B 76 -15.21 -19.28 16.10
CA ASN B 76 -16.05 -19.11 14.91
C ASN B 76 -15.25 -18.35 13.85
N ALA B 77 -14.36 -19.07 13.18
CA ALA B 77 -13.46 -18.48 12.20
C ALA B 77 -13.27 -19.39 10.98
N SER B 78 -13.14 -18.79 9.80
CA SER B 78 -12.92 -19.56 8.59
C SER B 78 -11.68 -19.10 7.85
N LEU B 79 -10.86 -20.05 7.40
CA LEU B 79 -9.71 -19.68 6.59
C LEU B 79 -10.16 -19.73 5.12
N ILE B 80 -10.06 -18.61 4.45
CA ILE B 80 -10.41 -18.56 3.06
C ILE B 80 -9.12 -18.44 2.29
N LYS B 81 -8.88 -19.38 1.39
CA LYS B 81 -7.65 -19.44 0.67
C LYS B 81 -7.91 -19.21 -0.81
N MET B 82 -7.25 -18.23 -1.40
CA MET B 82 -7.40 -18.03 -2.84
C MET B 82 -6.11 -18.35 -3.56
N GLU B 83 -6.06 -19.50 -4.23
CA GLU B 83 -4.81 -20.00 -4.76
C GLU B 83 -4.17 -19.09 -5.80
N GLU B 84 -4.96 -18.64 -6.76
CA GLU B 84 -4.45 -17.80 -7.85
C GLU B 84 -4.04 -16.39 -7.43
N ALA B 85 -4.90 -15.72 -6.69
CA ALA B 85 -4.63 -14.37 -6.18
C ALA B 85 -3.59 -14.41 -5.08
N GLN B 86 -3.28 -15.62 -4.62
CA GLN B 86 -2.27 -15.87 -3.60
C GLN B 86 -2.57 -15.03 -2.36
N ARG B 87 -3.83 -15.03 -1.97
CA ARG B 87 -4.29 -14.24 -0.88
C ARG B 87 -5.04 -15.12 0.12
N SER B 88 -4.87 -14.82 1.41
CA SER B 88 -5.53 -15.56 2.48
C SER B 88 -6.30 -14.62 3.38
N TYR B 89 -7.49 -15.02 3.76
CA TYR B 89 -8.21 -14.20 4.71
C TYR B 89 -8.80 -15.12 5.76
N ILE B 90 -8.85 -14.63 6.98
CA ILE B 90 -9.63 -15.27 8.02
C ILE B 90 -10.87 -14.44 8.27
N LEU B 91 -12.04 -15.03 8.10
CA LEU B 91 -13.27 -14.30 8.33
C LEU B 91 -13.91 -14.86 9.60
N THR B 92 -14.22 -13.97 10.54
CA THR B 92 -14.63 -14.36 11.87
C THR B 92 -15.79 -13.50 12.35
N GLN B 93 -16.54 -14.02 13.32
CA GLN B 93 -17.65 -13.27 13.89
C GLN B 93 -17.04 -12.16 14.72
N GLY B 94 -17.81 -11.10 14.95
CA GLY B 94 -17.40 -10.07 15.88
C GLY B 94 -17.35 -10.70 17.25
N PRO B 95 -16.26 -10.49 18.02
CA PRO B 95 -16.02 -11.29 19.22
C PRO B 95 -17.09 -11.12 20.26
N LEU B 96 -17.44 -12.22 20.93
CA LEU B 96 -18.33 -12.19 22.09
C LEU B 96 -17.56 -11.90 23.35
N PRO B 97 -18.28 -11.53 24.43
CA PRO B 97 -17.59 -11.29 25.69
C PRO B 97 -16.72 -12.47 26.10
N ASN B 98 -17.17 -13.69 25.93
CA ASN B 98 -16.33 -14.88 26.20
C ASN B 98 -15.13 -15.17 25.28
N THR B 99 -15.25 -14.81 24.01
CA THR B 99 -14.26 -15.21 23.00
C THR B 99 -13.20 -14.16 22.62
N CYS B 100 -13.16 -13.07 23.38
CA CYS B 100 -12.17 -12.03 23.14
C CYS B 100 -10.76 -12.60 23.27
N GLY B 101 -10.53 -13.39 24.32
CA GLY B 101 -9.25 -14.03 24.52
C GLY B 101 -8.99 -15.00 23.38
N HIS B 102 -10.01 -15.74 22.99
CA HIS B 102 -9.86 -16.70 21.90
C HIS B 102 -9.53 -15.90 20.64
N PHE B 103 -10.23 -14.79 20.48
CA PHE B 103 -10.03 -13.99 19.30
C PHE B 103 -8.55 -13.56 19.26
N TRP B 104 -8.08 -12.99 20.36
CA TRP B 104 -6.70 -12.53 20.36
C TRP B 104 -5.70 -13.67 20.26
N GLU B 105 -6.07 -14.83 20.79
CA GLU B 105 -5.23 -16.01 20.65
C GLU B 105 -5.10 -16.46 19.21
N MET B 106 -6.22 -16.49 18.50
CA MET B 106 -6.19 -16.86 17.11
C MET B 106 -5.28 -15.90 16.37
N VAL B 107 -5.29 -14.63 16.77
CA VAL B 107 -4.44 -13.64 16.11
C VAL B 107 -2.95 -13.92 16.32
N TRP B 108 -2.58 -14.34 17.53
CA TRP B 108 -1.18 -14.65 17.82
C TRP B 108 -0.77 -15.93 17.08
N GLU B 109 -1.63 -16.94 17.17
CA GLU B 109 -1.34 -18.22 16.55
C GLU B 109 -1.21 -18.17 15.03
N GLN B 110 -2.04 -17.36 14.40
CA GLN B 110 -2.03 -17.27 12.96
C GLN B 110 -0.99 -16.25 12.45
N LYS B 111 -0.31 -15.56 13.37
CA LYS B 111 0.72 -14.56 13.00
C LYS B 111 0.12 -13.43 12.16
N SER B 112 -1.07 -12.99 12.54
CA SER B 112 -1.70 -11.94 11.82
C SER B 112 -1.09 -10.61 12.20
N ARG B 113 -0.90 -9.76 11.20
CA ARG B 113 -0.39 -8.43 11.46
C ARG B 113 -1.51 -7.44 11.50
N GLY B 114 -2.56 -7.71 10.76
CA GLY B 114 -3.67 -6.79 10.71
C GLY B 114 -5.02 -7.42 11.05
N VAL B 115 -5.87 -6.64 11.68
CA VAL B 115 -7.25 -7.04 11.90
C VAL B 115 -8.13 -5.97 11.23
N VAL B 116 -8.97 -6.36 10.29
CA VAL B 116 -9.88 -5.43 9.60
C VAL B 116 -11.27 -5.62 10.19
N MET B 117 -11.85 -4.53 10.66
CA MET B 117 -13.17 -4.54 11.29
C MET B 117 -14.13 -3.69 10.48
N LEU B 118 -15.25 -4.26 10.06
CA LEU B 118 -16.13 -3.53 9.17
C LEU B 118 -17.48 -3.14 9.80
N ASN B 119 -17.65 -3.40 11.10
CA ASN B 119 -18.89 -3.03 11.77
C ASN B 119 -18.69 -2.08 12.93
N ARG B 120 -19.78 -1.45 13.33
CA ARG B 120 -19.80 -0.63 14.53
C ARG B 120 -20.23 -1.50 15.69
N VAL B 121 -19.83 -1.08 16.89
CA VAL B 121 -20.14 -1.78 18.13
C VAL B 121 -21.65 -1.83 18.44
N MET B 122 -22.35 -0.70 18.28
CA MET B 122 -23.81 -0.67 18.48
C MET B 122 -24.49 0.21 17.44
N LYS B 128 -24.15 -4.99 18.79
CA LYS B 128 -23.88 -5.86 17.63
C LYS B 128 -22.43 -6.42 17.52
N CYS B 129 -21.55 -6.01 18.46
CA CYS B 129 -20.21 -6.62 18.64
C CYS B 129 -19.52 -6.12 19.92
N ALA B 130 -18.83 -6.98 20.69
CA ALA B 130 -18.19 -6.51 21.92
C ALA B 130 -16.97 -5.64 21.57
N GLN B 131 -16.48 -4.85 22.53
CA GLN B 131 -15.32 -3.99 22.29
C GLN B 131 -14.09 -4.71 22.83
N TYR B 132 -13.28 -5.24 21.91
CA TYR B 132 -12.21 -6.19 22.23
C TYR B 132 -10.85 -5.54 22.21
N TRP B 133 -10.85 -4.21 22.05
CA TRP B 133 -9.61 -3.47 22.01
C TRP B 133 -9.71 -2.27 22.95
N PRO B 134 -8.58 -1.79 23.48
CA PRO B 134 -8.54 -0.67 24.41
C PRO B 134 -8.98 0.63 23.78
N GLN B 135 -9.91 1.34 24.41
CA GLN B 135 -10.24 2.68 23.96
C GLN B 135 -9.17 3.69 24.32
N LYS B 136 -8.51 3.47 25.46
CA LYS B 136 -7.53 4.41 25.95
C LYS B 136 -6.20 3.71 26.17
N GLU B 137 -5.11 4.43 25.98
CA GLU B 137 -3.81 3.86 26.15
C GLU B 137 -3.57 3.38 27.58
N GLU B 138 -3.91 4.23 28.54
CA GLU B 138 -3.64 3.95 29.95
C GLU B 138 -4.44 2.78 30.45
N LYS B 139 -5.55 2.49 29.77
CA LYS B 139 -6.38 1.34 30.14
C LYS B 139 -6.15 0.12 29.22
N GLU B 140 -5.00 -0.52 29.41
CA GLU B 140 -4.60 -1.72 28.65
C GLU B 140 -5.42 -2.91 29.07
N MET B 141 -5.43 -3.94 28.22
CA MET B 141 -6.26 -5.12 28.45
C MET B 141 -5.44 -6.39 28.71
N ILE B 142 -5.91 -7.19 29.68
CA ILE B 142 -5.34 -8.50 29.95
C ILE B 142 -6.38 -9.61 29.78
N PHE B 143 -6.06 -10.58 28.93
CA PHE B 143 -6.95 -11.73 28.68
C PHE B 143 -6.40 -12.95 29.39
N GLU B 144 -6.95 -13.22 30.58
CA GLU B 144 -6.42 -14.24 31.48
C GLU B 144 -6.45 -15.66 30.94
N ASP B 145 -7.48 -15.99 30.17
CA ASP B 145 -7.63 -17.33 29.63
C ASP B 145 -6.52 -17.73 28.67
N THR B 146 -6.10 -16.80 27.82
CA THR B 146 -5.08 -17.07 26.83
C THR B 146 -3.73 -16.47 27.16
N ASN B 147 -3.65 -15.78 28.29
CA ASN B 147 -2.41 -15.14 28.72
C ASN B 147 -1.87 -14.08 27.76
N LEU B 148 -2.75 -13.20 27.27
CA LEU B 148 -2.39 -12.18 26.28
C LEU B 148 -2.69 -10.78 26.81
N LYS B 149 -1.76 -9.86 26.62
CA LYS B 149 -1.93 -8.46 27.08
C LYS B 149 -2.06 -7.52 25.86
N LEU B 150 -3.10 -6.68 25.85
CA LEU B 150 -3.35 -5.77 24.73
C LEU B 150 -3.39 -4.28 25.08
N THR B 151 -2.50 -3.53 24.46
CA THR B 151 -2.45 -2.11 24.70
C THR B 151 -2.64 -1.39 23.39
N LEU B 152 -3.44 -0.32 23.42
CA LEU B 152 -3.64 0.56 22.26
C LEU B 152 -2.53 1.57 22.23
N ILE B 153 -1.60 1.43 21.30
CA ILE B 153 -0.52 2.38 21.17
C ILE B 153 -0.98 3.74 20.65
N SER B 154 -1.78 3.73 19.59
CA SER B 154 -2.22 4.97 18.98
C SER B 154 -3.41 4.78 18.06
N GLU B 155 -4.26 5.78 17.97
CA GLU B 155 -5.35 5.72 17.00
C GLU B 155 -5.53 7.04 16.24
N ASP B 156 -5.79 6.93 14.95
CA ASP B 156 -6.10 8.07 14.12
C ASP B 156 -7.53 7.92 13.64
N ILE B 157 -8.35 8.91 13.93
CA ILE B 157 -9.76 8.84 13.57
C ILE B 157 -9.96 9.72 12.33
N LYS B 158 -10.74 9.21 11.37
CA LYS B 158 -10.96 9.93 10.12
C LYS B 158 -12.47 9.99 9.93
N SER B 159 -12.91 10.72 8.91
CA SER B 159 -14.34 10.95 8.75
C SER B 159 -15.10 9.64 8.62
N TYR B 160 -14.54 8.70 7.86
CA TYR B 160 -15.19 7.41 7.63
C TYR B 160 -14.56 6.14 8.21
N TYR B 161 -13.29 6.19 8.59
CA TYR B 161 -12.64 4.99 9.11
C TYR B 161 -11.63 5.37 10.17
N THR B 162 -11.21 4.39 10.99
CA THR B 162 -10.17 4.62 12.00
C THR B 162 -9.06 3.58 11.92
N VAL B 163 -7.83 4.04 12.00
CA VAL B 163 -6.70 3.16 12.02
C VAL B 163 -6.07 3.25 13.40
N ARG B 164 -5.86 2.08 14.02
CA ARG B 164 -5.28 2.03 15.36
C ARG B 164 -4.10 1.11 15.38
N GLN B 165 -3.17 1.40 16.26
CA GLN B 165 -2.00 0.57 16.43
C GLN B 165 -2.05 -0.07 17.79
N LEU B 166 -1.97 -1.38 17.83
CA LEU B 166 -2.07 -2.11 19.09
C LEU B 166 -0.80 -2.93 19.33
N GLU B 167 -0.49 -3.17 20.60
CA GLU B 167 0.58 -4.08 20.96
C GLU B 167 -0.01 -5.26 21.72
N LEU B 168 0.15 -6.44 21.14
CA LEU B 168 -0.31 -7.67 21.74
C LEU B 168 0.97 -8.37 22.22
N GLU B 169 1.02 -8.66 23.52
CA GLU B 169 2.18 -9.30 24.12
C GLU B 169 1.72 -10.63 24.69
N ASN B 170 2.43 -11.71 24.35
CA ASN B 170 2.15 -12.98 24.98
C ASN B 170 2.86 -12.94 26.33
N LEU B 171 2.08 -12.96 27.40
CA LEU B 171 2.59 -12.88 28.76
C LEU B 171 3.51 -14.06 29.03
N THR B 172 3.17 -15.19 28.44
CA THR B 172 3.92 -16.40 28.67
C THR B 172 5.34 -16.25 28.17
N THR B 173 5.50 -15.70 26.98
CA THR B 173 6.82 -15.59 26.37
C THR B 173 7.47 -14.23 26.52
N GLN B 174 6.71 -13.25 26.98
CA GLN B 174 7.24 -11.92 27.08
C GLN B 174 7.62 -11.43 25.69
N GLU B 175 6.91 -11.92 24.68
CA GLU B 175 7.18 -11.55 23.30
C GLU B 175 6.17 -10.52 22.86
N THR B 176 6.57 -9.72 21.87
CA THR B 176 5.77 -8.57 21.46
C THR B 176 5.44 -8.58 19.97
N ARG B 177 4.22 -8.19 19.64
CA ARG B 177 3.86 -8.02 18.25
C ARG B 177 2.98 -6.81 18.10
N GLU B 178 3.09 -6.11 16.98
CA GLU B 178 2.26 -4.93 16.68
C GLU B 178 1.08 -5.28 15.80
N ILE B 179 -0.12 -5.00 16.26
CA ILE B 179 -1.28 -5.32 15.45
C ILE B 179 -1.94 -4.06 14.93
N LEU B 180 -2.31 -4.08 13.67
CA LEU B 180 -2.93 -2.92 13.04
C LEU B 180 -4.43 -3.09 12.93
N HIS B 181 -5.15 -2.09 13.42
CA HIS B 181 -6.59 -2.19 13.45
C HIS B 181 -7.15 -1.23 12.41
N PHE B 182 -7.80 -1.78 11.38
CA PHE B 182 -8.38 -0.91 10.37
C PHE B 182 -9.89 -1.01 10.52
N HIS B 183 -10.49 0.09 10.96
CA HIS B 183 -11.89 0.08 11.37
C HIS B 183 -12.67 0.98 10.44
N TYR B 184 -13.54 0.35 9.63
CA TYR B 184 -14.40 1.08 8.73
C TYR B 184 -15.62 1.40 9.56
N THR B 185 -15.88 2.69 9.78
CA THR B 185 -16.85 3.06 10.79
C THR B 185 -18.21 3.52 10.24
N THR B 186 -18.27 3.76 8.94
CA THR B 186 -19.50 4.16 8.25
C THR B 186 -20.10 3.06 7.34
N TRP B 187 -19.75 1.80 7.59
CA TRP B 187 -20.32 0.75 6.76
C TRP B 187 -21.44 0.07 7.57
N PRO B 188 -22.69 0.31 7.18
CA PRO B 188 -23.88 -0.20 7.87
C PRO B 188 -24.03 -1.68 7.67
N ASP B 189 -24.76 -2.33 8.57
CA ASP B 189 -25.05 -3.74 8.36
C ASP B 189 -25.99 -3.82 7.17
N PHE B 190 -25.69 -4.73 6.23
CA PHE B 190 -26.48 -4.92 5.02
C PHE B 190 -26.44 -3.72 4.06
N GLY B 191 -25.37 -2.93 4.16
CA GLY B 191 -25.25 -1.65 3.47
C GLY B 191 -23.94 -1.56 2.72
N VAL B 192 -23.71 -0.47 1.99
CA VAL B 192 -22.46 -0.28 1.25
C VAL B 192 -21.71 0.99 1.66
N PRO B 193 -20.37 0.97 1.46
CA PRO B 193 -19.53 2.16 1.70
C PRO B 193 -20.06 3.35 0.89
N GLU B 194 -19.79 4.56 1.38
CA GLU B 194 -20.36 5.77 0.80
C GLU B 194 -20.03 5.93 -0.68
N SER B 195 -18.79 5.61 -1.06
CA SER B 195 -18.31 5.61 -2.44
C SER B 195 -17.30 4.48 -2.71
N PRO B 196 -17.23 3.96 -3.97
CA PRO B 196 -16.16 2.97 -4.18
C PRO B 196 -14.77 3.58 -3.88
N ALA B 197 -14.58 4.87 -4.18
CA ALA B 197 -13.31 5.57 -3.99
C ALA B 197 -12.94 5.63 -2.53
N SER B 198 -13.95 5.76 -1.67
CA SER B 198 -13.75 5.75 -0.22
C SER B 198 -13.25 4.38 0.18
N PHE B 199 -13.92 3.37 -0.37
CA PHE B 199 -13.57 2.00 -0.13
C PHE B 199 -12.15 1.68 -0.59
N LEU B 200 -11.78 2.18 -1.76
CA LEU B 200 -10.45 1.94 -2.31
C LEU B 200 -9.39 2.56 -1.41
N ASN B 201 -9.66 3.77 -0.95
CA ASN B 201 -8.75 4.44 -0.04
C ASN B 201 -8.57 3.57 1.21
N PHE B 202 -9.66 3.00 1.70
CA PHE B 202 -9.57 2.10 2.83
C PHE B 202 -8.72 0.87 2.48
N LEU B 203 -9.04 0.22 1.36
CA LEU B 203 -8.37 -1.01 0.99
C LEU B 203 -6.88 -0.73 0.76
N PHE B 204 -6.57 0.35 0.07
CA PHE B 204 -5.18 0.64 -0.21
C PHE B 204 -4.38 0.97 1.05
N LYS B 205 -5.04 1.55 2.07
CA LYS B 205 -4.36 1.80 3.33
C LYS B 205 -4.07 0.44 3.94
N VAL B 206 -5.03 -0.46 3.85
CA VAL B 206 -4.84 -1.80 4.38
C VAL B 206 -3.75 -2.53 3.61
N ARG B 207 -3.74 -2.37 2.29
CA ARG B 207 -2.74 -3.02 1.44
C ARG B 207 -1.34 -2.48 1.79
N GLU B 208 -1.22 -1.16 1.83
CA GLU B 208 0.06 -0.54 2.05
C GLU B 208 0.69 -0.97 3.39
N SER B 209 -0.13 -1.26 4.40
CA SER B 209 0.40 -1.66 5.72
C SER B 209 1.08 -3.03 5.73
N GLY B 210 0.85 -3.83 4.68
CA GLY B 210 1.47 -5.14 4.60
C GLY B 210 0.73 -6.22 5.33
N SER B 211 -0.45 -5.88 5.84
CA SER B 211 -1.34 -6.83 6.50
C SER B 211 -1.84 -7.94 5.57
N LEU B 212 -1.82 -7.68 4.27
CA LEU B 212 -2.28 -8.62 3.26
C LEU B 212 -1.11 -9.35 2.62
N SER B 213 0.09 -8.99 3.07
CA SER B 213 1.30 -9.58 2.52
C SER B 213 1.43 -11.06 2.90
N PRO B 214 2.00 -11.85 1.98
CA PRO B 214 2.34 -13.25 2.22
C PRO B 214 3.44 -13.40 3.26
N GLU B 215 4.13 -12.30 3.55
CA GLU B 215 5.17 -12.33 4.57
C GLU B 215 4.55 -12.39 5.97
N HIS B 216 3.24 -12.13 6.07
CA HIS B 216 2.51 -12.28 7.34
C HIS B 216 1.39 -13.28 7.26
N GLY B 217 0.83 -13.61 8.42
CA GLY B 217 -0.29 -14.51 8.51
C GLY B 217 -1.49 -13.85 7.86
N PRO B 218 -2.58 -14.61 7.69
CA PRO B 218 -3.75 -14.01 7.05
C PRO B 218 -4.35 -12.89 7.92
N VAL B 219 -4.66 -11.75 7.32
CA VAL B 219 -5.30 -10.68 8.05
C VAL B 219 -6.59 -11.27 8.61
N VAL B 220 -7.03 -10.76 9.76
CA VAL B 220 -8.30 -11.20 10.29
C VAL B 220 -9.34 -10.13 9.94
N VAL B 221 -10.36 -10.54 9.18
CA VAL B 221 -11.44 -9.66 8.73
C VAL B 221 -12.76 -10.06 9.41
N HIS B 222 -13.49 -9.09 9.94
CA HIS B 222 -14.72 -9.38 10.65
C HIS B 222 -15.74 -8.25 10.59
N SER B 223 -16.97 -8.61 10.87
CA SER B 223 -18.12 -7.73 10.90
C SER B 223 -18.99 -8.32 11.98
N SER B 224 -20.26 -7.98 12.07
CA SER B 224 -21.07 -8.61 13.10
C SER B 224 -21.18 -10.11 12.90
N ALA B 225 -21.49 -10.52 11.68
CA ALA B 225 -21.58 -11.94 11.36
C ALA B 225 -20.26 -12.44 10.82
N GLY B 226 -19.56 -11.57 10.11
CA GLY B 226 -18.35 -11.94 9.40
C GLY B 226 -18.68 -12.50 8.02
N ILE B 227 -19.85 -12.13 7.50
CA ILE B 227 -20.26 -12.67 6.20
C ILE B 227 -20.61 -11.61 5.12
N GLY B 228 -21.49 -10.66 5.43
CA GLY B 228 -21.93 -9.70 4.42
C GLY B 228 -20.95 -8.60 4.01
N ARG B 229 -20.56 -7.76 4.96
CA ARG B 229 -19.54 -6.74 4.76
C ARG B 229 -18.16 -7.40 4.55
N SER B 230 -17.90 -8.45 5.33
CA SER B 230 -16.62 -9.16 5.29
C SER B 230 -16.37 -9.80 3.96
N GLY B 231 -17.42 -10.38 3.40
CA GLY B 231 -17.36 -11.02 2.09
C GLY B 231 -17.16 -10.01 0.98
N THR B 232 -17.83 -8.87 1.14
CA THR B 232 -17.73 -7.81 0.16
C THR B 232 -16.30 -7.28 0.13
N PHE B 233 -15.71 -7.08 1.29
CA PHE B 233 -14.36 -6.56 1.38
C PHE B 233 -13.35 -7.50 0.71
N CYS B 234 -13.36 -8.78 1.08
CA CYS B 234 -12.44 -9.77 0.46
C CYS B 234 -12.66 -10.03 -1.05
N LEU B 235 -13.92 -10.00 -1.49
CA LEU B 235 -14.23 -10.23 -2.89
C LEU B 235 -13.61 -9.13 -3.74
N ALA B 236 -13.77 -7.90 -3.28
CA ALA B 236 -13.25 -6.76 -4.00
C ALA B 236 -11.73 -6.82 -4.06
N ASP B 237 -11.10 -7.08 -2.93
CA ASP B 237 -9.64 -7.14 -2.88
C ASP B 237 -9.08 -8.27 -3.75
N THR B 238 -9.71 -9.44 -3.71
CA THR B 238 -9.24 -10.55 -4.53
C THR B 238 -9.40 -10.26 -6.02
N CYS B 239 -10.57 -9.79 -6.44
CA CYS B 239 -10.79 -9.58 -7.87
C CYS B 239 -9.79 -8.59 -8.50
N LEU B 240 -9.48 -7.51 -7.77
CA LEU B 240 -8.53 -6.48 -8.20
C LEU B 240 -7.14 -7.03 -8.36
N LEU B 241 -6.77 -7.94 -7.48
CA LEU B 241 -5.48 -8.61 -7.58
C LEU B 241 -5.49 -9.37 -8.88
N LEU B 242 -6.61 -10.02 -9.12
CA LEU B 242 -6.76 -10.90 -10.26
C LEU B 242 -6.55 -10.11 -11.53
N MET B 243 -7.22 -8.96 -11.65
CA MET B 243 -7.10 -8.17 -12.87
C MET B 243 -5.71 -7.63 -13.09
N ASP B 244 -5.06 -7.27 -12.00
CA ASP B 244 -3.68 -6.79 -12.04
C ASP B 244 -2.71 -7.88 -12.47
N LYS B 245 -2.82 -9.01 -11.79
CA LYS B 245 -1.96 -10.19 -11.98
C LYS B 245 -2.18 -10.89 -13.33
N ARG B 246 -3.45 -11.00 -13.74
CA ARG B 246 -3.87 -11.76 -14.92
C ARG B 246 -3.47 -11.12 -16.26
N LYS B 247 -3.31 -11.97 -17.27
CA LYS B 247 -3.02 -11.56 -18.65
C LYS B 247 -4.15 -10.81 -19.36
N ASP B 248 -5.39 -11.29 -19.26
CA ASP B 248 -6.51 -10.51 -19.73
C ASP B 248 -7.41 -10.23 -18.52
N PRO B 249 -7.36 -8.99 -18.00
CA PRO B 249 -8.17 -8.61 -16.84
C PRO B 249 -9.67 -8.80 -17.06
N SER B 250 -10.14 -8.76 -18.31
CA SER B 250 -11.55 -8.96 -18.61
C SER B 250 -12.01 -10.37 -18.21
N SER B 251 -11.08 -11.32 -18.19
CA SER B 251 -11.36 -12.73 -17.88
C SER B 251 -11.91 -12.98 -16.46
N VAL B 252 -11.58 -12.09 -15.51
CA VAL B 252 -11.99 -12.25 -14.11
C VAL B 252 -13.51 -12.24 -13.96
N ASP B 253 -14.07 -13.31 -13.40
CA ASP B 253 -15.51 -13.36 -13.22
C ASP B 253 -15.81 -13.31 -11.74
N ILE B 254 -16.44 -12.20 -11.31
CA ILE B 254 -16.73 -11.94 -9.90
C ILE B 254 -17.61 -13.03 -9.30
N LYS B 255 -18.62 -13.47 -10.08
CA LYS B 255 -19.55 -14.49 -9.61
C LYS B 255 -18.79 -15.77 -9.27
N LYS B 256 -17.85 -16.14 -10.13
CA LYS B 256 -17.06 -17.33 -9.90
C LYS B 256 -16.20 -17.16 -8.65
N VAL B 257 -15.59 -15.98 -8.50
CA VAL B 257 -14.73 -15.69 -7.36
C VAL B 257 -15.55 -15.75 -6.06
N LEU B 258 -16.75 -15.19 -6.08
CA LEU B 258 -17.57 -15.16 -4.90
C LEU B 258 -17.91 -16.59 -4.50
N LEU B 259 -18.21 -17.43 -5.49
CA LEU B 259 -18.54 -18.82 -5.20
C LEU B 259 -17.36 -19.64 -4.68
N GLU B 260 -16.16 -19.37 -5.20
CA GLU B 260 -14.98 -20.01 -4.68
C GLU B 260 -14.79 -19.62 -3.23
N MET B 261 -15.02 -18.33 -2.90
CA MET B 261 -14.91 -17.89 -1.51
C MET B 261 -15.93 -18.63 -0.66
N ARG B 262 -17.12 -18.83 -1.22
CA ARG B 262 -18.24 -19.43 -0.49
C ARG B 262 -18.02 -20.89 -0.18
N LYS B 263 -17.01 -21.49 -0.81
CA LYS B 263 -16.56 -22.84 -0.46
C LYS B 263 -15.98 -22.85 0.95
N PHE B 264 -15.28 -21.79 1.32
CA PHE B 264 -14.67 -21.70 2.65
C PHE B 264 -15.57 -21.22 3.77
N ARG B 265 -16.45 -20.26 3.46
CA ARG B 265 -17.37 -19.74 4.46
C ARG B 265 -18.74 -19.46 3.85
N MET B 266 -19.79 -19.85 4.57
CA MET B 266 -21.16 -19.62 4.12
C MET B 266 -21.55 -18.14 4.06
N GLY B 267 -22.48 -17.81 3.17
CA GLY B 267 -23.23 -16.58 3.27
C GLY B 267 -22.48 -15.31 2.95
N LEU B 268 -21.31 -15.45 2.34
CA LEU B 268 -20.47 -14.31 2.01
C LEU B 268 -21.18 -13.39 1.01
N ILE B 269 -21.22 -12.10 1.37
CA ILE B 269 -22.03 -11.06 0.73
C ILE B 269 -23.54 -11.34 0.93
N GLN B 270 -24.22 -10.45 1.66
CA GLN B 270 -25.60 -10.72 2.04
C GLN B 270 -26.68 -10.06 1.16
N THR B 271 -26.29 -9.13 0.30
CA THR B 271 -27.26 -8.40 -0.53
C THR B 271 -26.79 -8.17 -1.97
N ALA B 272 -27.75 -7.95 -2.87
CA ALA B 272 -27.42 -7.70 -4.28
C ALA B 272 -26.66 -6.39 -4.46
N ASP B 273 -27.03 -5.37 -3.68
CA ASP B 273 -26.36 -4.08 -3.73
C ASP B 273 -24.92 -4.24 -3.30
N GLN B 274 -24.70 -5.10 -2.32
CA GLN B 274 -23.36 -5.40 -1.94
C GLN B 274 -22.63 -6.08 -3.11
N LEU B 275 -23.32 -7.02 -3.78
CA LEU B 275 -22.73 -7.72 -4.92
C LEU B 275 -22.41 -6.73 -6.03
N ARG B 276 -23.40 -5.89 -6.33
CA ARG B 276 -23.26 -4.87 -7.34
C ARG B 276 -22.10 -3.92 -6.96
N PHE B 277 -21.95 -3.64 -5.66
CA PHE B 277 -20.89 -2.72 -5.21
C PHE B 277 -19.48 -3.24 -5.45
N SER B 278 -19.29 -4.54 -5.20
CA SER B 278 -18.00 -5.20 -5.38
C SER B 278 -17.54 -5.04 -6.81
N TYR B 279 -18.48 -5.15 -7.74
CA TYR B 279 -18.22 -4.88 -9.14
C TYR B 279 -17.68 -3.45 -9.28
N LEU B 280 -18.39 -2.49 -8.71
CA LEU B 280 -17.99 -1.09 -8.84
C LEU B 280 -16.64 -0.85 -8.21
N ALA B 281 -16.43 -1.39 -7.02
CA ALA B 281 -15.16 -1.18 -6.31
C ALA B 281 -14.01 -1.72 -7.16
N VAL B 282 -14.22 -2.89 -7.74
CA VAL B 282 -13.24 -3.50 -8.64
C VAL B 282 -13.11 -2.72 -9.99
N ILE B 283 -14.22 -2.27 -10.55
CA ILE B 283 -14.17 -1.53 -11.80
C ILE B 283 -13.41 -0.20 -11.66
N GLU B 284 -13.75 0.59 -10.66
CA GLU B 284 -13.13 1.90 -10.48
C GLU B 284 -11.64 1.78 -10.24
N GLY B 285 -11.24 0.76 -9.49
CA GLY B 285 -9.84 0.52 -9.22
C GLY B 285 -9.02 0.14 -10.44
N ALA B 286 -9.61 -0.73 -11.27
CA ALA B 286 -8.93 -1.27 -12.44
C ALA B 286 -8.93 -0.34 -13.62
N LYS B 287 -9.42 0.88 -13.42
CA LYS B 287 -9.44 1.91 -14.45
C LYS B 287 -8.02 2.20 -15.01
N PHE B 288 -7.02 2.17 -14.10
CA PHE B 288 -5.60 2.46 -14.40
C PHE B 288 -5.34 3.98 -14.58
N GLU C 1 -29.23 -15.48 20.06
CA GLU C 1 -28.69 -16.02 18.82
C GLU C 1 -29.68 -15.85 17.68
N PRO C 2 -30.31 -14.69 17.61
CA PRO C 2 -31.32 -14.43 16.59
C PRO C 2 -30.61 -14.47 15.25
N GLN C 3 -31.32 -14.80 14.19
CA GLN C 3 -30.67 -14.96 12.91
C GLN C 3 -29.98 -13.67 12.46
N GLN C 5 -28.81 -13.56 9.42
CA GLN C 5 -29.29 -13.52 8.05
C GLN C 5 -30.76 -13.17 7.94
N PRO C 6 -31.10 -12.37 6.95
CA PRO C 6 -32.49 -12.02 6.70
C PRO C 6 -33.27 -13.16 6.05
N GLY C 7 -34.42 -12.84 5.48
CA GLY C 7 -35.18 -13.79 4.69
C GLY C 7 -34.45 -14.06 3.38
N GLU C 8 -34.61 -15.27 2.85
CA GLU C 8 -33.95 -15.66 1.61
C GLU C 8 -32.54 -16.19 1.87
N ASN C 9 -32.14 -16.27 3.13
CA ASN C 9 -30.91 -16.94 3.51
C ASN C 9 -30.09 -17.30 2.28
N GLN D 3 23.92 19.85 -21.05
CA GLN D 3 23.30 20.40 -19.86
C GLN D 3 21.79 20.25 -19.87
N GLN D 5 19.28 21.77 -17.39
CA GLN D 5 18.68 23.09 -17.14
C GLN D 5 17.24 23.26 -17.65
#